data_4CGM
#
_entry.id   4CGM
#
_cell.length_a   48.460
_cell.length_b   92.093
_cell.length_c   53.636
_cell.angle_alpha   90.00
_cell.angle_beta   113.71
_cell.angle_gamma   90.00
#
_symmetry.space_group_name_H-M   'P 1 21 1'
#
loop_
_entity.id
_entity.type
_entity.pdbx_description
1 polymer 'GLYCYLPEPTIDE N-TETRADECANOYLTRANSFERASE'
2 non-polymer 'MAGNESIUM ION'
3 non-polymer N-[[3-[3-(6,7-dihydro-4H-[1,3]thiazolo[5,4-c]pyridin-5-ylmethyl)phenyl]phenyl]methyl]-2-pyridin-3-yl-ethanamine
4 non-polymer TETRADECANOYL-COA
5 water water
#
_entity_poly.entity_id   1
_entity_poly.type   'polypeptide(L)'
_entity_poly.pdbx_seq_one_letter_code
;AHAFWSTQPVPQTEDETEKIVFAGPMDEPKTVADIPEEPYPIASTFEWWTPNMEAADDIHAIYELLRDNYVEDDDSMFRF
NYSEEFLQWALCPPNYIPDWHVAVRRKADKKLLAFIAGVPVTLRMGTPKYMKVKAQEKGEGEEAAKYDEPRHICEINFLC
VHKQLREKRLAPILIKEATRRVNRTNVWQAVYTAGVLLPTPYASGQYFHRSLNPEKLVEIRFSGIPAQYQKFQNPMAMLK
RNYQLPSAPKNSGLREMKPSDVPQVRRILMNYLDSFDVGPVFSDAEISHYLLPRDGVVFTYVVENDKKVTDFFSFYRIPS
TVIGNSNYNLLNAAYVHYYAATSIPLHQLILDLLIVAHSRGFDVCNMVEILDNRSFVEQLKFGAGDGHLRYYFYNWAYPK
IKPSQVALVML
;
_entity_poly.pdbx_strand_id   A
#
loop_
_chem_comp.id
_chem_comp.type
_chem_comp.name
_chem_comp.formula
CWZ non-polymer N-[[3-[3-(6,7-dihydro-4H-[1,3]thiazolo[5,4-c]pyridin-5-ylmethyl)phenyl]phenyl]methyl]-2-pyridin-3-yl-ethanamine 'C27 H28 N4 S'
MG non-polymer 'MAGNESIUM ION' 'Mg 2'
MYA non-polymer TETRADECANOYL-COA 'C35 H62 N7 O17 P3 S'
#
# COMPACT_ATOMS: atom_id res chain seq x y z
N ALA A 1 -21.55 17.24 8.33
CA ALA A 1 -20.18 17.17 8.89
C ALA A 1 -19.11 17.01 7.79
N HIS A 2 -19.51 16.55 6.61
CA HIS A 2 -18.59 16.38 5.47
C HIS A 2 -19.08 17.08 4.20
N ALA A 3 -18.79 18.37 4.07
CA ALA A 3 -19.25 19.15 2.96
C ALA A 3 -18.86 18.51 1.60
N PHE A 4 -17.78 17.73 1.60
CA PHE A 4 -17.36 17.04 0.35
C PHE A 4 -17.80 15.60 0.27
N TRP A 5 -17.46 14.76 1.23
CA TRP A 5 -17.79 13.35 1.12
C TRP A 5 -19.27 12.96 1.12
N SER A 6 -20.10 13.79 1.76
CA SER A 6 -21.54 13.66 1.60
C SER A 6 -22.06 13.81 0.18
N THR A 7 -21.34 14.48 -0.71
CA THR A 7 -21.74 14.64 -2.12
C THR A 7 -21.28 13.48 -3.06
N GLN A 8 -20.61 12.53 -2.46
CA GLN A 8 -19.83 11.52 -3.26
C GLN A 8 -20.46 10.15 -3.17
N PRO A 9 -20.23 9.30 -4.21
CA PRO A 9 -20.81 7.93 -4.27
C PRO A 9 -20.03 6.89 -3.46
N VAL A 10 -20.14 7.01 -2.15
CA VAL A 10 -19.60 6.14 -1.19
C VAL A 10 -20.64 5.92 -0.13
N PRO A 11 -20.58 4.81 0.58
CA PRO A 11 -21.52 4.62 1.70
C PRO A 11 -21.27 5.65 2.81
N GLN A 12 -22.36 6.23 3.32
CA GLN A 12 -22.22 7.44 4.15
C GLN A 12 -22.04 7.15 5.65
N THR A 13 -22.43 5.94 6.09
CA THR A 13 -22.34 5.47 7.48
C THR A 13 -22.04 3.98 7.59
N GLU A 14 -21.64 3.58 8.79
CA GLU A 14 -21.54 2.15 9.15
C GLU A 14 -22.88 1.38 9.07
N ASP A 15 -23.99 2.06 9.37
CA ASP A 15 -25.32 1.44 9.21
C ASP A 15 -25.59 1.12 7.75
N GLU A 16 -25.33 2.07 6.87
CA GLU A 16 -25.52 1.86 5.44
C GLU A 16 -24.67 0.68 5.01
N THR A 17 -23.38 0.75 5.37
CA THR A 17 -22.45 -0.37 5.19
C THR A 17 -23.01 -1.69 5.68
N GLU A 18 -23.52 -1.70 6.91
CA GLU A 18 -23.99 -2.94 7.53
CA GLU A 18 -24.03 -2.92 7.56
C GLU A 18 -25.16 -3.59 6.77
N LYS A 19 -25.88 -2.80 5.96
CA LYS A 19 -27.04 -3.27 5.16
C LYS A 19 -26.70 -3.61 3.67
N ILE A 20 -25.42 -3.48 3.33
CA ILE A 20 -24.91 -3.82 2.01
C ILE A 20 -24.64 -5.30 1.97
N VAL A 21 -25.18 -5.93 0.94
CA VAL A 21 -25.25 -7.35 0.87
C VAL A 21 -24.53 -7.81 -0.40
N PHE A 22 -24.50 -6.97 -1.44
CA PHE A 22 -23.88 -7.38 -2.69
C PHE A 22 -22.84 -6.35 -3.09
N ALA A 23 -21.75 -6.83 -3.75
CA ALA A 23 -20.88 -5.90 -4.44
C ALA A 23 -21.57 -5.29 -5.63
N GLY A 24 -21.33 -4.01 -5.83
CA GLY A 24 -21.76 -3.35 -7.02
C GLY A 24 -21.63 -1.86 -6.92
N PRO A 25 -21.91 -1.16 -8.01
CA PRO A 25 -21.74 0.26 -8.01
C PRO A 25 -22.70 1.02 -7.05
N MET A 26 -22.29 2.20 -6.65
CA MET A 26 -23.21 3.07 -5.85
C MET A 26 -24.00 4.01 -6.76
N ASP A 27 -23.36 4.59 -7.77
CA ASP A 27 -23.86 5.73 -8.59
C ASP A 27 -24.82 5.43 -9.72
N GLU A 28 -25.29 6.51 -10.37
CA GLU A 28 -26.02 6.40 -11.65
C GLU A 28 -25.06 5.77 -12.70
N PRO A 29 -25.46 4.67 -13.41
CA PRO A 29 -24.52 4.37 -14.52
C PRO A 29 -24.38 5.65 -15.34
N LYS A 30 -23.17 5.99 -15.77
CA LYS A 30 -22.86 7.16 -16.54
C LYS A 30 -22.02 6.80 -17.72
N THR A 31 -21.99 7.63 -18.75
CA THR A 31 -20.99 7.40 -19.84
C THR A 31 -19.96 8.44 -19.96
N VAL A 32 -18.94 8.04 -20.72
CA VAL A 32 -17.86 8.91 -21.08
C VAL A 32 -18.36 10.23 -21.62
N ALA A 33 -19.33 10.15 -22.53
CA ALA A 33 -19.79 11.32 -23.24
C ALA A 33 -20.46 12.31 -22.26
N ASP A 34 -21.05 11.81 -21.15
CA ASP A 34 -21.60 12.69 -20.05
C ASP A 34 -20.55 13.64 -19.41
N ILE A 35 -19.26 13.29 -19.48
CA ILE A 35 -18.23 13.91 -18.64
C ILE A 35 -17.66 15.10 -19.23
N PRO A 36 -17.60 16.20 -18.46
CA PRO A 36 -17.09 17.46 -18.95
C PRO A 36 -15.71 17.33 -19.59
N GLU A 37 -15.61 17.85 -20.78
CA GLU A 37 -14.35 17.81 -21.57
C GLU A 37 -13.23 18.56 -20.99
N GLU A 38 -13.62 19.57 -20.22
CA GLU A 38 -12.69 20.56 -19.78
C GLU A 38 -12.39 20.34 -18.29
N PRO A 39 -11.11 20.54 -17.91
CA PRO A 39 -10.74 20.43 -16.52
C PRO A 39 -11.69 21.19 -15.70
N TYR A 40 -11.76 20.79 -14.45
CA TYR A 40 -12.60 21.44 -13.52
C TYR A 40 -12.09 22.90 -13.43
N PRO A 41 -13.00 23.91 -13.24
CA PRO A 41 -12.62 25.32 -13.02
C PRO A 41 -11.75 25.39 -11.77
N ILE A 42 -10.75 26.26 -11.77
CA ILE A 42 -9.83 26.45 -10.63
C ILE A 42 -9.38 27.94 -10.66
N ALA A 43 -8.95 28.44 -9.50
CA ALA A 43 -8.49 29.82 -9.27
C ALA A 43 -7.44 30.26 -10.29
N SER A 44 -7.57 31.52 -10.73
CA SER A 44 -6.75 32.01 -11.83
C SER A 44 -5.23 32.09 -11.55
N THR A 45 -4.84 32.01 -10.28
CA THR A 45 -3.43 31.88 -9.80
C THR A 45 -2.80 30.45 -9.72
N PHE A 46 -3.67 29.44 -9.85
CA PHE A 46 -3.24 28.07 -9.93
C PHE A 46 -3.46 27.54 -11.36
N GLU A 47 -2.78 26.47 -11.69
CA GLU A 47 -3.05 25.79 -12.95
C GLU A 47 -2.96 24.25 -12.78
N TRP A 48 -3.79 23.51 -13.51
CA TRP A 48 -3.62 22.07 -13.51
C TRP A 48 -2.33 21.68 -14.26
N TRP A 49 -1.68 20.63 -13.79
CA TRP A 49 -0.44 20.13 -14.41
C TRP A 49 -0.48 18.60 -14.45
N THR A 50 -0.07 18.02 -15.58
CA THR A 50 0.12 16.54 -15.71
C THR A 50 1.59 16.28 -15.76
N PRO A 51 2.22 15.82 -14.65
CA PRO A 51 3.66 15.53 -14.70
C PRO A 51 3.99 14.49 -15.75
N ASN A 52 5.20 14.66 -16.31
CA ASN A 52 5.76 13.68 -17.21
C ASN A 52 6.68 12.79 -16.36
N MET A 53 6.23 11.58 -16.11
CA MET A 53 7.00 10.72 -15.22
CA MET A 53 6.94 10.64 -15.27
C MET A 53 8.26 10.16 -15.90
N GLU A 54 8.49 10.44 -17.16
CA GLU A 54 9.84 10.15 -17.70
C GLU A 54 10.80 11.40 -17.67
N ALA A 55 10.27 12.52 -17.24
CA ALA A 55 11.10 13.73 -16.95
C ALA A 55 11.70 13.64 -15.50
N ALA A 56 13.03 13.60 -15.35
CA ALA A 56 13.62 13.65 -13.98
C ALA A 56 13.26 14.86 -13.19
N ASP A 57 13.06 16.01 -13.85
CA ASP A 57 12.72 17.16 -13.08
C ASP A 57 11.31 17.06 -12.54
N ASP A 58 10.41 16.44 -13.31
CA ASP A 58 9.02 16.31 -12.86
C ASP A 58 8.97 15.39 -11.62
N ILE A 59 9.61 14.25 -11.76
CA ILE A 59 9.73 13.33 -10.61
CA ILE A 59 9.77 13.31 -10.62
C ILE A 59 10.34 14.04 -9.41
N HIS A 60 11.43 14.79 -9.61
CA HIS A 60 12.00 15.57 -8.51
C HIS A 60 11.03 16.55 -7.85
N ALA A 61 10.20 17.24 -8.65
CA ALA A 61 9.21 18.17 -8.08
C ALA A 61 8.21 17.44 -7.14
N ILE A 62 7.76 16.28 -7.56
CA ILE A 62 6.79 15.49 -6.78
CA ILE A 62 6.79 15.48 -6.79
C ILE A 62 7.52 14.99 -5.54
N TYR A 63 8.75 14.52 -5.76
CA TYR A 63 9.62 14.02 -4.65
C TYR A 63 9.72 15.10 -3.55
N GLU A 64 9.99 16.38 -3.90
CA GLU A 64 10.22 17.38 -2.86
C GLU A 64 8.91 17.78 -2.10
N LEU A 65 7.82 17.81 -2.86
CA LEU A 65 6.50 18.07 -2.31
C LEU A 65 6.23 16.97 -1.27
N LEU A 66 6.46 15.71 -1.62
CA LEU A 66 6.16 14.61 -0.62
C LEU A 66 7.17 14.57 0.51
N ARG A 67 8.43 14.88 0.24
CA ARG A 67 9.47 14.83 1.25
C ARG A 67 9.08 15.79 2.35
N ASP A 68 8.64 17.00 1.99
CA ASP A 68 8.34 18.02 2.98
C ASP A 68 6.93 18.08 3.49
N ASN A 69 5.99 17.38 2.82
CA ASN A 69 4.59 17.63 3.14
C ASN A 69 3.72 16.37 3.22
N TYR A 70 4.30 15.20 3.02
CA TYR A 70 3.53 13.95 3.03
C TYR A 70 3.27 13.42 4.49
N VAL A 71 2.81 12.19 4.61
CA VAL A 71 2.29 11.65 5.88
C VAL A 71 3.36 11.66 6.98
N GLU A 72 2.95 12.18 8.13
CA GLU A 72 3.78 12.12 9.37
C GLU A 72 3.12 11.28 10.38
N ASP A 73 3.85 10.92 11.43
CA ASP A 73 3.17 10.20 12.54
C ASP A 73 2.40 11.25 13.35
N ASP A 74 1.65 10.77 14.34
CA ASP A 74 0.82 11.66 15.13
C ASP A 74 1.59 12.61 15.99
N ASP A 75 2.83 12.26 16.36
CA ASP A 75 3.67 13.20 17.16
C ASP A 75 4.67 14.08 16.35
N SER A 76 4.46 14.13 15.01
CA SER A 76 5.37 14.83 14.11
C SER A 76 6.85 14.61 14.44
N MET A 77 7.23 13.34 14.41
CA MET A 77 8.56 12.94 14.67
C MET A 77 9.16 12.32 13.43
N PHE A 78 8.28 11.81 12.57
CA PHE A 78 8.75 11.15 11.33
C PHE A 78 7.87 11.57 10.20
N ARG A 79 8.46 11.64 9.01
CA ARG A 79 7.68 11.92 7.78
C ARG A 79 8.24 11.02 6.65
N PHE A 80 7.33 10.37 5.90
CA PHE A 80 7.82 9.48 4.84
C PHE A 80 8.67 10.24 3.85
N ASN A 81 9.67 9.56 3.32
CA ASN A 81 10.58 10.15 2.32
C ASN A 81 10.75 9.20 1.18
N TYR A 82 9.64 8.95 0.44
CA TYR A 82 9.70 8.13 -0.72
C TYR A 82 10.77 8.66 -1.66
N SER A 83 11.62 7.77 -2.15
CA SER A 83 12.68 8.24 -3.07
C SER A 83 12.12 8.52 -4.49
N GLU A 84 12.97 9.18 -5.27
CA GLU A 84 12.67 9.40 -6.71
CA GLU A 84 12.66 9.39 -6.71
C GLU A 84 12.56 8.09 -7.49
N GLU A 85 13.44 7.13 -7.21
CA GLU A 85 13.40 5.84 -7.88
C GLU A 85 12.13 5.10 -7.46
N PHE A 86 11.81 5.19 -6.16
CA PHE A 86 10.53 4.59 -5.70
C PHE A 86 9.31 5.17 -6.40
N LEU A 87 9.27 6.50 -6.55
CA LEU A 87 8.11 7.16 -7.12
C LEU A 87 7.95 6.74 -8.61
N GLN A 88 9.05 6.66 -9.33
CA GLN A 88 9.00 6.27 -10.74
CA GLN A 88 8.99 6.26 -10.74
C GLN A 88 8.43 4.84 -10.84
N TRP A 89 8.85 3.96 -9.92
CA TRP A 89 8.38 2.57 -9.86
C TRP A 89 6.89 2.53 -9.56
N ALA A 90 6.47 3.29 -8.54
CA ALA A 90 5.09 3.18 -8.02
C ALA A 90 4.09 3.80 -9.01
N LEU A 91 4.54 4.88 -9.63
CA LEU A 91 3.66 5.73 -10.52
C LEU A 91 3.59 5.17 -11.92
N CYS A 92 4.55 4.33 -12.32
CA CYS A 92 4.61 3.92 -13.74
C CYS A 92 4.58 2.39 -13.96
N PRO A 93 3.56 1.72 -13.47
CA PRO A 93 3.41 0.29 -13.78
C PRO A 93 3.03 0.10 -15.28
N PRO A 94 3.02 -1.16 -15.81
CA PRO A 94 2.69 -1.43 -17.25
C PRO A 94 1.34 -0.80 -17.61
N ASN A 95 1.29 -0.04 -18.72
CA ASN A 95 0.02 0.53 -19.18
C ASN A 95 -0.55 1.58 -18.23
N TYR A 96 0.32 2.22 -17.45
CA TYR A 96 -0.16 3.32 -16.59
C TYR A 96 -0.72 4.41 -17.50
N ILE A 97 -1.65 5.21 -16.96
CA ILE A 97 -2.23 6.31 -17.76
CA ILE A 97 -2.24 6.33 -17.76
C ILE A 97 -1.66 7.61 -17.23
N PRO A 98 -0.86 8.31 -18.06
CA PRO A 98 -0.19 9.52 -17.58
C PRO A 98 -1.19 10.58 -17.04
N ASP A 99 -2.35 10.70 -17.69
CA ASP A 99 -3.35 11.70 -17.33
C ASP A 99 -3.97 11.54 -15.95
N TRP A 100 -3.80 10.35 -15.36
CA TRP A 100 -4.30 10.02 -14.02
C TRP A 100 -3.44 10.54 -12.87
N HIS A 101 -2.23 11.00 -13.18
CA HIS A 101 -1.38 11.77 -12.22
C HIS A 101 -1.72 13.25 -12.40
N VAL A 102 -2.31 13.83 -11.36
CA VAL A 102 -2.92 15.17 -11.39
C VAL A 102 -2.23 16.04 -10.37
N ALA A 103 -1.78 17.20 -10.83
CA ALA A 103 -1.13 18.17 -9.98
C ALA A 103 -1.70 19.57 -10.13
N VAL A 104 -1.54 20.35 -9.07
CA VAL A 104 -1.78 21.77 -9.08
C VAL A 104 -0.48 22.50 -8.84
N ARG A 105 -0.17 23.43 -9.78
CA ARG A 105 1.00 24.31 -9.65
C ARG A 105 0.61 25.78 -9.53
N ARG A 106 1.47 26.56 -8.91
CA ARG A 106 1.20 27.96 -8.82
C ARG A 106 1.76 28.50 -10.13
N LYS A 107 0.92 29.16 -10.93
CA LYS A 107 1.31 29.68 -12.24
C LYS A 107 2.60 30.51 -12.29
N ALA A 108 2.71 31.44 -11.36
CA ALA A 108 3.76 32.44 -11.39
C ALA A 108 5.14 31.78 -11.37
N ASP A 109 5.28 30.64 -10.70
CA ASP A 109 6.60 30.09 -10.56
C ASP A 109 6.67 28.57 -10.71
N LYS A 110 5.52 27.98 -11.00
CA LYS A 110 5.35 26.54 -11.23
CA LYS A 110 5.44 26.54 -11.27
C LYS A 110 5.70 25.73 -9.97
N LYS A 111 5.59 26.39 -8.81
CA LYS A 111 5.69 25.64 -7.52
C LYS A 111 4.55 24.61 -7.45
N LEU A 112 4.94 23.33 -7.26
CA LEU A 112 3.97 22.24 -7.01
C LEU A 112 3.34 22.43 -5.65
N LEU A 113 2.03 22.60 -5.64
CA LEU A 113 1.26 22.84 -4.42
C LEU A 113 0.42 21.65 -3.97
N ALA A 114 0.08 20.73 -4.88
CA ALA A 114 -0.74 19.58 -4.50
C ALA A 114 -0.60 18.49 -5.56
N PHE A 115 -0.84 17.24 -5.19
CA PHE A 115 -0.66 16.16 -6.11
C PHE A 115 -1.59 15.05 -5.65
N ILE A 116 -2.00 14.21 -6.61
CA ILE A 116 -2.69 12.98 -6.36
C ILE A 116 -2.30 12.05 -7.51
N ALA A 117 -2.10 10.79 -7.22
CA ALA A 117 -1.79 9.82 -8.27
C ALA A 117 -2.80 8.66 -8.40
N GLY A 118 -3.12 8.32 -9.64
CA GLY A 118 -3.96 7.17 -9.91
C GLY A 118 -3.15 6.20 -10.75
N VAL A 119 -3.21 4.90 -10.46
CA VAL A 119 -2.61 3.92 -11.39
C VAL A 119 -3.59 2.82 -11.66
N PRO A 120 -3.41 2.10 -12.78
CA PRO A 120 -4.30 0.96 -12.99
C PRO A 120 -4.08 -0.17 -12.05
N VAL A 121 -5.16 -0.81 -11.65
CA VAL A 121 -5.07 -2.06 -10.96
C VAL A 121 -6.20 -2.91 -11.47
N THR A 122 -5.93 -4.19 -11.62
CA THR A 122 -6.99 -5.19 -11.90
C THR A 122 -7.36 -5.88 -10.63
N LEU A 123 -8.61 -5.65 -10.14
CA LEU A 123 -9.02 -6.06 -8.84
C LEU A 123 -10.25 -6.98 -8.85
N ARG A 124 -10.10 -8.06 -8.17
CA ARG A 124 -11.22 -8.95 -7.71
C ARG A 124 -11.90 -8.17 -6.59
N MET A 125 -13.19 -7.90 -6.76
CA MET A 125 -13.89 -7.08 -5.78
C MET A 125 -15.37 -7.47 -5.86
N GLY A 126 -15.62 -8.76 -6.08
CA GLY A 126 -17.01 -9.18 -6.12
C GLY A 126 -17.42 -9.54 -4.73
N THR A 127 -18.71 -9.85 -4.54
CA THR A 127 -19.19 -10.25 -3.21
C THR A 127 -18.35 -11.24 -2.42
N PRO A 128 -18.01 -10.88 -1.15
CA PRO A 128 -17.14 -11.74 -0.34
C PRO A 128 -17.76 -13.07 -0.02
N LYS A 129 -16.90 -14.02 0.25
CA LYS A 129 -17.30 -15.36 0.65
C LYS A 129 -18.43 -15.38 1.70
N TYR A 130 -18.28 -14.67 2.82
CA TYR A 130 -19.32 -14.84 3.87
C TYR A 130 -20.68 -14.36 3.43
N MET A 131 -20.71 -13.40 2.53
CA MET A 131 -21.96 -12.84 2.03
C MET A 131 -22.51 -13.72 0.95
N LYS A 132 -21.63 -14.46 0.27
CA LYS A 132 -22.13 -15.37 -0.75
C LYS A 132 -22.87 -16.52 -0.08
N VAL A 133 -22.42 -16.90 1.11
CA VAL A 133 -23.07 -17.98 1.88
C VAL A 133 -24.47 -17.54 2.27
N LYS A 134 -24.56 -16.34 2.83
CA LYS A 134 -25.85 -15.74 3.16
C LYS A 134 -26.75 -15.61 1.94
N ALA A 135 -26.17 -15.40 0.76
CA ALA A 135 -26.99 -15.28 -0.47
C ALA A 135 -27.54 -16.61 -0.95
N GLN A 136 -26.78 -17.68 -0.80
CA GLN A 136 -27.28 -19.04 -1.03
C GLN A 136 -28.54 -19.31 -0.21
N GLU A 137 -28.46 -19.02 1.08
CA GLU A 137 -29.52 -19.24 2.08
C GLU A 137 -30.75 -18.38 1.78
N LYS A 138 -30.57 -17.35 0.95
CA LYS A 138 -31.73 -16.54 0.62
C LYS A 138 -32.25 -16.80 -0.79
N GLY A 139 -31.56 -17.65 -1.56
CA GLY A 139 -31.89 -17.90 -2.97
C GLY A 139 -31.39 -16.82 -3.91
N GLU A 140 -30.41 -15.99 -3.46
CA GLU A 140 -29.97 -14.80 -4.23
CA GLU A 140 -29.95 -14.79 -4.21
C GLU A 140 -28.57 -14.91 -4.90
N GLY A 141 -28.14 -16.14 -5.17
CA GLY A 141 -26.84 -16.40 -5.84
C GLY A 141 -26.42 -15.60 -7.06
N GLU A 142 -27.28 -15.42 -8.08
CA GLU A 142 -26.88 -14.68 -9.29
C GLU A 142 -26.59 -13.20 -8.97
N GLU A 143 -27.45 -12.55 -8.21
CA GLU A 143 -27.23 -11.13 -7.89
C GLU A 143 -25.88 -10.99 -7.17
N ALA A 144 -25.58 -11.92 -6.25
CA ALA A 144 -24.30 -11.93 -5.50
C ALA A 144 -23.09 -12.13 -6.35
N ALA A 145 -23.24 -12.86 -7.49
CA ALA A 145 -22.10 -13.24 -8.34
C ALA A 145 -21.98 -12.29 -9.51
N LYS A 146 -22.85 -11.30 -9.61
CA LYS A 146 -22.86 -10.40 -10.78
C LYS A 146 -21.52 -9.70 -11.15
N TYR A 147 -20.80 -9.21 -10.13
CA TYR A 147 -19.57 -8.49 -10.33
C TYR A 147 -18.35 -9.29 -9.87
N ASP A 148 -18.45 -10.63 -9.97
CA ASP A 148 -17.33 -11.56 -9.68
C ASP A 148 -16.06 -11.39 -10.53
N GLU A 149 -16.20 -10.88 -11.73
CA GLU A 149 -15.08 -10.81 -12.64
C GLU A 149 -14.10 -9.69 -12.23
N PRO A 150 -12.78 -9.93 -12.33
CA PRO A 150 -11.85 -8.81 -11.99
C PRO A 150 -12.13 -7.58 -12.80
N ARG A 151 -12.02 -6.39 -12.20
CA ARG A 151 -12.32 -5.17 -12.85
C ARG A 151 -11.06 -4.30 -12.93
N HIS A 152 -10.93 -3.64 -14.05
CA HIS A 152 -9.82 -2.72 -14.33
C HIS A 152 -10.24 -1.39 -13.73
N ILE A 153 -9.69 -1.07 -12.55
CA ILE A 153 -10.11 0.18 -11.87
C ILE A 153 -8.89 1.04 -11.56
N CYS A 154 -9.04 2.13 -10.79
CA CYS A 154 -7.96 3.06 -10.50
C CYS A 154 -7.55 2.85 -9.05
N GLU A 155 -6.23 2.83 -8.80
CA GLU A 155 -5.78 2.79 -7.38
C GLU A 155 -5.17 4.12 -7.09
N ILE A 156 -5.65 4.84 -6.04
CA ILE A 156 -5.25 6.19 -5.76
C ILE A 156 -4.23 6.17 -4.61
N ASN A 157 -3.19 6.99 -4.75
CA ASN A 157 -2.17 7.08 -3.68
C ASN A 157 -1.55 8.46 -3.80
N PHE A 158 -0.75 8.83 -2.79
CA PHE A 158 0.08 9.99 -2.75
C PHE A 158 -0.70 11.30 -2.79
N LEU A 159 -1.97 11.32 -2.32
CA LEU A 159 -2.65 12.62 -2.16
C LEU A 159 -1.84 13.56 -1.17
N CYS A 160 -1.55 14.79 -1.59
CA CYS A 160 -0.72 15.66 -0.76
C CYS A 160 -1.03 17.11 -1.13
N VAL A 161 -1.38 17.90 -0.12
CA VAL A 161 -1.48 19.36 -0.31
C VAL A 161 -0.34 19.98 0.49
N HIS A 162 0.42 20.87 -0.14
CA HIS A 162 1.48 21.63 0.56
C HIS A 162 0.99 22.18 1.94
N LYS A 163 1.81 22.06 2.99
CA LYS A 163 1.45 22.64 4.33
C LYS A 163 0.92 24.08 4.34
N GLN A 164 1.42 24.94 3.45
CA GLN A 164 0.90 26.32 3.41
C GLN A 164 -0.48 26.49 2.80
N LEU A 165 -1.06 25.40 2.30
CA LEU A 165 -2.33 25.45 1.60
C LEU A 165 -3.40 24.58 2.25
N ARG A 166 -3.05 24.10 3.45
CA ARG A 166 -3.93 23.20 4.16
C ARG A 166 -5.23 23.89 4.56
N GLU A 167 -6.31 23.16 4.43
CA GLU A 167 -7.61 23.51 5.01
C GLU A 167 -8.23 24.61 4.24
N LYS A 168 -7.90 24.67 2.94
CA LYS A 168 -8.56 25.58 2.04
C LYS A 168 -9.43 24.85 1.03
N ARG A 169 -9.79 23.57 1.32
CA ARG A 169 -10.64 22.74 0.45
C ARG A 169 -10.00 22.41 -0.89
N LEU A 170 -8.66 22.41 -0.94
CA LEU A 170 -7.97 22.04 -2.15
C LEU A 170 -8.02 20.54 -2.41
N ALA A 171 -7.97 19.74 -1.36
CA ALA A 171 -8.03 18.29 -1.53
C ALA A 171 -9.32 17.87 -2.35
N PRO A 172 -10.52 18.34 -1.95
CA PRO A 172 -11.68 17.95 -2.76
C PRO A 172 -11.58 18.26 -4.25
N ILE A 173 -10.95 19.35 -4.59
CA ILE A 173 -10.92 19.82 -5.98
C ILE A 173 -10.01 18.89 -6.78
N LEU A 174 -8.87 18.54 -6.16
CA LEU A 174 -7.96 17.52 -6.68
C LEU A 174 -8.68 16.18 -6.84
N ILE A 175 -9.43 15.76 -5.84
CA ILE A 175 -10.15 14.49 -5.93
C ILE A 175 -11.22 14.52 -7.08
N LYS A 176 -11.97 15.62 -7.21
CA LYS A 176 -12.95 15.77 -8.35
C LYS A 176 -12.31 15.73 -9.73
N GLU A 177 -11.17 16.41 -9.87
CA GLU A 177 -10.46 16.39 -11.10
C GLU A 177 -9.82 15.05 -11.41
N ALA A 178 -9.21 14.40 -10.42
CA ALA A 178 -8.74 12.99 -10.64
C ALA A 178 -9.90 12.13 -11.09
N THR A 179 -11.08 12.41 -10.54
CA THR A 179 -12.20 11.51 -10.72
C THR A 179 -12.63 11.72 -12.21
N ARG A 180 -12.63 12.97 -12.64
CA ARG A 180 -13.04 13.31 -14.00
C ARG A 180 -12.12 12.59 -14.96
N ARG A 181 -10.80 12.67 -14.70
CA ARG A 181 -9.80 12.12 -15.66
C ARG A 181 -9.89 10.65 -15.73
N VAL A 182 -10.14 9.95 -14.61
CA VAL A 182 -10.37 8.56 -14.62
C VAL A 182 -11.68 8.20 -15.34
N ASN A 183 -12.76 8.94 -15.07
CA ASN A 183 -14.05 8.62 -15.69
C ASN A 183 -13.99 8.79 -17.24
N ARG A 184 -13.22 9.75 -17.68
CA ARG A 184 -13.05 10.07 -19.13
C ARG A 184 -12.39 8.86 -19.80
N THR A 185 -11.79 7.96 -18.99
CA THR A 185 -11.16 6.71 -19.55
C THR A 185 -12.05 5.52 -19.32
N ASN A 186 -13.34 5.77 -19.02
CA ASN A 186 -14.29 4.74 -18.78
C ASN A 186 -13.99 3.80 -17.61
N VAL A 187 -13.38 4.42 -16.57
CA VAL A 187 -13.21 3.74 -15.32
C VAL A 187 -13.99 4.45 -14.20
N TRP A 188 -14.72 3.68 -13.39
CA TRP A 188 -15.77 4.26 -12.54
C TRP A 188 -15.65 3.90 -11.11
N GLN A 189 -14.66 3.06 -10.77
CA GLN A 189 -14.43 2.65 -9.39
C GLN A 189 -12.95 2.97 -9.07
N ALA A 190 -12.66 3.20 -7.79
CA ALA A 190 -11.24 3.42 -7.35
C ALA A 190 -11.10 2.69 -6.02
N VAL A 191 -9.84 2.34 -5.66
CA VAL A 191 -9.54 1.77 -4.34
C VAL A 191 -8.48 2.67 -3.74
N TYR A 192 -8.59 2.97 -2.47
CA TYR A 192 -7.58 3.87 -1.82
C TYR A 192 -7.54 3.46 -0.34
N THR A 193 -6.45 3.85 0.32
CA THR A 193 -6.35 3.54 1.79
C THR A 193 -6.09 4.92 2.48
N ALA A 194 -6.29 4.93 3.78
CA ALA A 194 -5.96 6.14 4.56
C ALA A 194 -5.82 5.73 6.00
N GLY A 195 -4.98 6.42 6.74
CA GLY A 195 -5.00 6.26 8.18
C GLY A 195 -5.97 7.11 8.94
N VAL A 196 -6.64 8.01 8.30
CA VAL A 196 -7.69 8.75 8.91
C VAL A 196 -8.99 8.04 8.56
N LEU A 197 -10.01 8.26 9.37
CA LEU A 197 -11.38 7.72 9.21
C LEU A 197 -12.25 8.60 8.38
N LEU A 198 -12.79 8.04 7.29
CA LEU A 198 -13.56 8.79 6.34
C LEU A 198 -14.80 7.95 6.07
N PRO A 199 -15.82 8.52 5.45
CA PRO A 199 -16.93 7.60 5.08
C PRO A 199 -16.58 6.76 3.85
N THR A 200 -16.67 5.42 3.86
CA THR A 200 -16.77 4.52 5.00
C THR A 200 -15.95 3.29 4.62
N PRO A 201 -15.05 2.86 5.49
CA PRO A 201 -14.15 1.77 5.06
C PRO A 201 -14.82 0.42 4.87
N TYR A 202 -14.29 -0.37 3.94
CA TYR A 202 -14.78 -1.75 3.91
C TYR A 202 -13.91 -2.69 4.74
N ALA A 203 -12.73 -2.23 5.27
CA ALA A 203 -11.87 -3.11 6.09
C ALA A 203 -10.88 -2.15 6.81
N SER A 204 -10.39 -2.61 7.95
CA SER A 204 -9.51 -1.80 8.82
CA SER A 204 -9.51 -1.82 8.83
C SER A 204 -8.53 -2.76 9.46
N GLY A 205 -7.24 -2.41 9.44
CA GLY A 205 -6.29 -3.27 10.08
C GLY A 205 -5.27 -2.49 10.87
N GLN A 206 -4.76 -3.09 11.94
CA GLN A 206 -3.61 -2.52 12.65
C GLN A 206 -2.31 -2.55 11.87
N TYR A 207 -1.41 -1.64 12.23
CA TYR A 207 -0.04 -1.74 11.79
C TYR A 207 0.78 -2.54 12.76
N PHE A 208 1.79 -3.19 12.23
CA PHE A 208 2.75 -3.91 13.01
C PHE A 208 4.14 -3.57 12.59
N HIS A 209 5.06 -3.66 13.54
CA HIS A 209 6.51 -3.36 13.33
C HIS A 209 7.38 -4.41 14.01
N ARG A 210 8.51 -4.70 13.41
CA ARG A 210 9.45 -5.68 13.92
C ARG A 210 10.83 -5.01 13.93
N SER A 211 11.33 -4.78 15.16
CA SER A 211 12.63 -4.12 15.33
CA SER A 211 12.64 -4.15 15.35
C SER A 211 13.79 -4.92 14.75
N LEU A 212 14.65 -4.27 13.92
CA LEU A 212 15.85 -4.95 13.35
C LEU A 212 17.10 -4.36 13.99
N ASN A 213 17.10 -3.06 14.23
CA ASN A 213 18.26 -2.34 14.86
C ASN A 213 17.66 -1.58 16.02
N PRO A 214 17.35 -2.28 17.10
CA PRO A 214 16.72 -1.61 18.25
C PRO A 214 17.50 -0.43 18.88
N GLU A 215 18.83 -0.45 18.82
CA GLU A 215 19.64 0.70 19.35
C GLU A 215 19.28 2.01 18.60
N LYS A 216 19.28 1.97 17.28
CA LYS A 216 18.84 3.15 16.49
C LYS A 216 17.39 3.53 16.77
N LEU A 217 16.47 2.56 16.70
CA LEU A 217 15.06 2.84 16.95
C LEU A 217 14.76 3.54 18.28
N VAL A 218 15.46 3.10 19.35
CA VAL A 218 15.38 3.78 20.61
C VAL A 218 15.98 5.21 20.53
N GLU A 219 17.09 5.38 19.82
CA GLU A 219 17.82 6.64 19.81
C GLU A 219 16.95 7.74 19.16
N ILE A 220 16.21 7.33 18.11
CA ILE A 220 15.23 8.23 17.39
C ILE A 220 13.84 8.28 18.00
N ARG A 221 13.60 7.54 19.08
CA ARG A 221 12.28 7.46 19.75
C ARG A 221 11.15 6.89 18.85
N PHE A 222 11.53 6.14 17.82
CA PHE A 222 10.55 5.17 17.28
C PHE A 222 10.13 4.13 18.32
N SER A 223 11.08 3.65 19.11
CA SER A 223 10.83 2.61 20.14
C SER A 223 11.28 3.17 21.47
N GLY A 224 10.76 2.60 22.55
CA GLY A 224 11.26 2.91 23.91
C GLY A 224 11.95 1.67 24.40
N ILE A 225 12.82 1.82 25.39
CA ILE A 225 13.19 0.66 26.18
C ILE A 225 11.96 0.37 27.06
N PRO A 226 11.28 -0.77 26.88
CA PRO A 226 10.01 -0.92 27.59
C PRO A 226 10.20 -1.33 29.07
N ALA A 227 9.20 -0.91 29.86
CA ALA A 227 9.29 -0.83 31.33
C ALA A 227 9.88 -2.09 31.94
N GLN A 228 9.35 -3.24 31.53
CA GLN A 228 9.88 -4.55 31.91
C GLN A 228 11.41 -4.76 31.72
N TYR A 229 12.04 -4.05 30.78
CA TYR A 229 13.52 -4.19 30.58
C TYR A 229 14.35 -3.38 31.59
N GLN A 230 13.67 -2.74 32.56
CA GLN A 230 14.29 -1.88 33.58
CA GLN A 230 14.38 -1.92 33.53
C GLN A 230 14.62 -2.68 34.84
N LYS A 231 13.74 -3.62 35.17
CA LYS A 231 14.03 -4.60 36.20
C LYS A 231 15.33 -5.37 35.82
N PHE A 232 15.83 -5.11 34.61
CA PHE A 232 17.11 -5.70 34.17
C PHE A 232 18.27 -4.79 34.50
N GLN A 233 19.40 -5.39 34.79
CA GLN A 233 20.59 -4.66 35.12
C GLN A 233 20.97 -3.83 33.91
N ASN A 234 20.93 -4.47 32.74
CA ASN A 234 21.26 -3.77 31.50
C ASN A 234 20.27 -3.84 30.32
N PRO A 235 19.40 -2.84 30.24
CA PRO A 235 18.35 -2.80 29.22
C PRO A 235 18.74 -3.13 27.78
N MET A 236 19.70 -2.42 27.20
CA MET A 236 19.88 -2.42 25.75
C MET A 236 20.52 -3.69 25.25
N ALA A 237 21.37 -4.31 26.09
CA ALA A 237 22.06 -5.51 25.65
C ALA A 237 21.01 -6.59 25.52
N MET A 238 20.08 -6.57 26.47
CA MET A 238 18.93 -7.47 26.51
CA MET A 238 18.91 -7.47 26.53
C MET A 238 18.01 -7.20 25.32
N LEU A 239 17.77 -5.91 25.01
CA LEU A 239 16.93 -5.60 23.83
C LEU A 239 17.58 -6.09 22.52
N LYS A 240 18.87 -5.87 22.37
CA LYS A 240 19.56 -6.33 21.17
C LYS A 240 19.53 -7.86 21.07
N ARG A 241 19.78 -8.55 22.20
CA ARG A 241 19.75 -10.01 22.26
C ARG A 241 18.31 -10.49 21.92
N ASN A 242 17.32 -9.79 22.42
CA ASN A 242 15.99 -10.19 22.08
C ASN A 242 15.71 -10.22 20.55
N TYR A 243 16.19 -9.22 19.85
CA TYR A 243 15.81 -9.04 18.43
C TYR A 243 16.88 -9.46 17.46
N GLN A 244 17.98 -10.02 17.97
CA GLN A 244 19.05 -10.57 17.11
C GLN A 244 18.54 -11.55 16.02
N LEU A 245 19.24 -11.61 14.89
CA LEU A 245 18.88 -12.53 13.85
C LEU A 245 20.11 -13.16 13.24
N PRO A 246 19.93 -14.35 12.67
CA PRO A 246 21.02 -14.95 11.95
C PRO A 246 21.60 -14.06 10.83
N SER A 247 22.85 -14.34 10.49
CA SER A 247 23.51 -13.64 9.38
C SER A 247 23.01 -14.03 8.01
N ALA A 248 22.52 -15.25 7.85
CA ALA A 248 22.17 -15.76 6.54
C ALA A 248 20.84 -16.45 6.60
N PRO A 249 20.12 -16.47 5.47
CA PRO A 249 18.87 -17.16 5.47
C PRO A 249 19.00 -18.58 5.88
N LYS A 250 17.95 -19.08 6.49
CA LYS A 250 17.94 -20.46 6.92
C LYS A 250 17.41 -21.39 5.82
N ASN A 251 16.64 -20.87 4.86
CA ASN A 251 16.09 -21.74 3.82
C ASN A 251 17.18 -21.94 2.72
N SER A 252 17.73 -23.15 2.60
CA SER A 252 18.52 -23.49 1.44
CA SER A 252 18.52 -23.48 1.42
C SER A 252 17.56 -23.36 0.24
N GLY A 253 18.07 -22.92 -0.86
CA GLY A 253 17.15 -22.76 -1.96
C GLY A 253 16.82 -21.29 -2.11
N LEU A 254 16.98 -20.48 -1.06
CA LEU A 254 16.62 -19.07 -1.18
C LEU A 254 17.69 -18.31 -1.98
N ARG A 255 17.24 -17.56 -2.99
CA ARG A 255 18.10 -16.65 -3.78
C ARG A 255 17.25 -15.44 -4.26
N GLU A 256 17.91 -14.39 -4.74
CA GLU A 256 17.20 -13.30 -5.36
CA GLU A 256 17.17 -13.30 -5.33
C GLU A 256 16.42 -13.76 -6.57
N MET A 257 15.27 -13.13 -6.79
CA MET A 257 14.40 -13.43 -7.93
C MET A 257 15.10 -12.87 -9.21
N LYS A 258 14.98 -13.64 -10.29
CA LYS A 258 15.51 -13.14 -11.57
CA LYS A 258 15.55 -13.31 -11.62
C LYS A 258 14.39 -13.18 -12.62
N PRO A 259 14.63 -12.54 -13.80
CA PRO A 259 13.50 -12.45 -14.72
C PRO A 259 12.91 -13.81 -15.12
N SER A 260 13.73 -14.84 -15.21
CA SER A 260 13.22 -16.17 -15.58
C SER A 260 12.16 -16.78 -14.60
N ASP A 261 12.10 -16.23 -13.41
CA ASP A 261 11.20 -16.66 -12.35
C ASP A 261 9.81 -16.12 -12.52
N VAL A 262 9.66 -15.11 -13.38
CA VAL A 262 8.35 -14.36 -13.46
C VAL A 262 7.13 -15.32 -13.58
N PRO A 263 7.15 -16.26 -14.57
CA PRO A 263 6.02 -17.17 -14.68
C PRO A 263 5.66 -18.01 -13.43
N GLN A 264 6.66 -18.54 -12.77
CA GLN A 264 6.40 -19.40 -11.63
C GLN A 264 5.92 -18.49 -10.49
N VAL A 265 6.53 -17.31 -10.33
CA VAL A 265 6.05 -16.43 -9.22
C VAL A 265 4.61 -15.97 -9.50
N ARG A 266 4.30 -15.60 -10.74
CA ARG A 266 2.92 -15.26 -11.09
C ARG A 266 1.95 -16.37 -10.67
N ARG A 267 2.29 -17.59 -11.02
CA ARG A 267 1.41 -18.73 -10.77
CA ARG A 267 1.40 -18.74 -10.76
C ARG A 267 1.19 -18.93 -9.27
N ILE A 268 2.27 -19.03 -8.49
CA ILE A 268 2.14 -19.24 -7.07
C ILE A 268 1.47 -18.08 -6.33
N LEU A 269 1.76 -16.86 -6.79
CA LEU A 269 1.12 -15.69 -6.17
C LEU A 269 -0.37 -15.68 -6.46
N MET A 270 -0.73 -15.87 -7.74
CA MET A 270 -2.19 -15.77 -8.10
C MET A 270 -2.99 -16.88 -7.41
N ASN A 271 -2.39 -18.07 -7.32
CA ASN A 271 -3.07 -19.20 -6.63
CA ASN A 271 -3.03 -19.21 -6.64
C ASN A 271 -3.32 -18.80 -5.19
N TYR A 272 -2.30 -18.22 -4.56
CA TYR A 272 -2.43 -17.79 -3.18
C TYR A 272 -3.45 -16.68 -3.03
N LEU A 273 -3.46 -15.66 -3.89
CA LEU A 273 -4.27 -14.46 -3.67
C LEU A 273 -5.72 -14.80 -3.86
N ASP A 274 -6.04 -15.79 -4.68
CA ASP A 274 -7.42 -16.42 -4.69
C ASP A 274 -8.10 -16.74 -3.36
N SER A 275 -7.34 -17.01 -2.31
CA SER A 275 -7.94 -17.37 -1.06
CA SER A 275 -7.87 -17.35 -1.01
C SER A 275 -8.58 -16.11 -0.41
N PHE A 276 -8.35 -14.91 -1.00
CA PHE A 276 -8.85 -13.60 -0.40
C PHE A 276 -10.03 -12.99 -1.13
N ASP A 277 -10.93 -12.33 -0.40
CA ASP A 277 -12.02 -11.63 -1.02
C ASP A 277 -11.72 -10.49 -1.95
N VAL A 278 -10.76 -9.58 -1.63
CA VAL A 278 -10.43 -8.45 -2.47
C VAL A 278 -8.90 -8.61 -2.76
N GLY A 279 -8.55 -8.62 -4.03
CA GLY A 279 -7.10 -8.88 -4.36
C GLY A 279 -6.81 -8.58 -5.79
N PRO A 280 -5.52 -8.27 -6.09
CA PRO A 280 -5.13 -7.80 -7.38
C PRO A 280 -4.90 -9.07 -8.25
N VAL A 281 -5.07 -8.89 -9.54
CA VAL A 281 -4.71 -9.92 -10.54
C VAL A 281 -3.55 -9.27 -11.30
N PHE A 282 -2.43 -9.97 -11.36
CA PHE A 282 -1.28 -9.45 -12.11
C PHE A 282 -0.91 -10.35 -13.33
N SER A 283 -0.63 -9.62 -14.42
CA SER A 283 -0.06 -10.21 -15.70
C SER A 283 1.43 -10.51 -15.42
N ASP A 284 2.07 -11.33 -16.29
CA ASP A 284 3.55 -11.45 -16.20
C ASP A 284 4.18 -10.07 -16.21
N ALA A 285 3.74 -9.10 -17.03
CA ALA A 285 4.42 -7.78 -17.07
C ALA A 285 4.32 -7.01 -15.71
N GLU A 286 3.17 -7.17 -15.10
CA GLU A 286 2.91 -6.56 -13.78
C GLU A 286 3.72 -7.26 -12.67
N ILE A 287 3.88 -8.57 -12.76
CA ILE A 287 4.71 -9.30 -11.82
C ILE A 287 6.17 -8.85 -11.96
N SER A 288 6.64 -8.79 -13.20
CA SER A 288 7.99 -8.30 -13.49
CA SER A 288 7.98 -8.29 -13.47
C SER A 288 8.16 -6.90 -12.88
N HIS A 289 7.23 -6.00 -13.17
CA HIS A 289 7.38 -4.67 -12.71
C HIS A 289 7.39 -4.55 -11.15
N TYR A 290 6.37 -5.12 -10.52
CA TYR A 290 6.28 -4.99 -9.08
C TYR A 290 7.21 -5.86 -8.23
N LEU A 291 7.76 -6.93 -8.79
CA LEU A 291 8.50 -7.90 -7.95
C LEU A 291 9.98 -8.06 -8.34
N LEU A 292 10.34 -7.80 -9.60
CA LEU A 292 11.79 -7.94 -9.86
C LEU A 292 12.60 -6.96 -9.04
N PRO A 293 13.74 -7.43 -8.45
CA PRO A 293 14.53 -6.58 -7.60
C PRO A 293 14.91 -5.29 -8.33
N ARG A 294 14.81 -4.22 -7.61
CA ARG A 294 15.27 -2.85 -8.04
C ARG A 294 16.01 -2.25 -6.89
N ASP A 295 17.29 -1.91 -7.13
CA ASP A 295 18.19 -1.45 -6.07
C ASP A 295 17.61 -0.32 -5.26
N GLY A 296 17.65 -0.42 -3.96
CA GLY A 296 17.06 0.66 -3.16
C GLY A 296 15.52 0.78 -3.08
N VAL A 297 14.79 -0.06 -3.80
CA VAL A 297 13.35 0.09 -3.86
C VAL A 297 12.60 -1.20 -3.51
N VAL A 298 12.83 -2.27 -4.22
CA VAL A 298 12.03 -3.49 -3.96
C VAL A 298 13.00 -4.70 -4.02
N PHE A 299 12.79 -5.67 -3.14
CA PHE A 299 13.73 -6.69 -2.91
C PHE A 299 12.91 -8.01 -2.87
N THR A 300 13.28 -9.02 -3.65
CA THR A 300 12.40 -10.17 -3.79
C THR A 300 13.27 -11.40 -3.89
N TYR A 301 12.92 -12.45 -3.12
CA TYR A 301 13.73 -13.64 -3.10
C TYR A 301 12.83 -14.83 -3.24
N VAL A 302 13.26 -15.83 -3.95
CA VAL A 302 12.45 -17.04 -4.17
C VAL A 302 13.14 -18.22 -3.48
N VAL A 303 12.36 -19.24 -3.15
CA VAL A 303 12.90 -20.50 -2.66
C VAL A 303 12.77 -21.40 -3.90
N GLU A 304 13.92 -21.85 -4.40
CA GLU A 304 13.89 -22.73 -5.54
C GLU A 304 14.47 -24.06 -5.08
N ASN A 305 13.71 -25.12 -5.29
CA ASN A 305 14.27 -26.48 -5.13
C ASN A 305 13.91 -27.44 -6.24
N ASP A 306 14.91 -28.24 -6.63
CA ASP A 306 14.84 -29.05 -7.85
C ASP A 306 14.36 -28.22 -9.04
N LYS A 307 14.98 -27.04 -9.18
CA LYS A 307 14.73 -26.16 -10.35
C LYS A 307 13.30 -25.61 -10.45
N LYS A 308 12.57 -25.63 -9.33
CA LYS A 308 11.19 -25.12 -9.31
C LYS A 308 11.08 -24.10 -8.18
N VAL A 309 10.40 -23.00 -8.47
CA VAL A 309 10.15 -21.96 -7.47
C VAL A 309 8.90 -22.41 -6.70
N THR A 310 9.06 -22.53 -5.38
CA THR A 310 8.05 -23.08 -4.48
C THR A 310 7.49 -22.00 -3.53
N ASP A 311 8.24 -20.96 -3.28
CA ASP A 311 7.89 -19.96 -2.26
C ASP A 311 8.58 -18.68 -2.71
N PHE A 312 8.10 -17.52 -2.26
CA PHE A 312 8.88 -16.30 -2.50
C PHE A 312 8.42 -15.30 -1.48
N PHE A 313 9.24 -14.30 -1.24
CA PHE A 313 8.75 -13.14 -0.52
C PHE A 313 9.32 -11.86 -1.10
N SER A 314 8.70 -10.72 -0.81
CA SER A 314 9.20 -9.42 -1.37
C SER A 314 9.03 -8.38 -0.23
N PHE A 315 9.88 -7.34 -0.19
CA PHE A 315 9.61 -6.22 0.64
C PHE A 315 10.10 -5.00 -0.11
N TYR A 316 9.51 -3.83 0.21
CA TYR A 316 9.99 -2.59 -0.39
C TYR A 316 10.51 -1.61 0.67
N ARG A 317 11.32 -0.61 0.24
CA ARG A 317 11.96 0.28 1.18
C ARG A 317 11.27 1.60 1.13
N ILE A 318 10.93 2.13 2.31
CA ILE A 318 10.61 3.56 2.36
C ILE A 318 11.34 4.15 3.51
N PRO A 319 12.27 5.08 3.23
CA PRO A 319 12.91 5.70 4.40
C PRO A 319 11.99 6.85 4.95
N SER A 320 12.07 7.17 6.23
CA SER A 320 11.40 8.32 6.76
C SER A 320 12.38 9.31 7.31
N THR A 321 12.03 10.57 7.09
CA THR A 321 12.77 11.69 7.74
C THR A 321 12.53 11.67 9.25
N VAL A 322 13.60 11.74 10.02
CA VAL A 322 13.50 11.88 11.46
C VAL A 322 13.61 13.39 11.73
N ILE A 323 12.53 13.98 12.23
CA ILE A 323 12.45 15.41 12.42
C ILE A 323 13.28 15.80 13.69
N GLY A 324 14.51 16.30 13.52
CA GLY A 324 15.37 16.81 14.64
C GLY A 324 16.20 15.96 15.62
N ASN A 325 16.81 14.88 15.14
CA ASN A 325 17.71 14.05 15.98
C ASN A 325 19.16 14.38 15.56
N SER A 326 20.05 14.56 16.52
CA SER A 326 21.39 15.03 16.19
C SER A 326 22.29 13.90 15.68
N ASN A 327 21.83 12.66 15.85
CA ASN A 327 22.65 11.50 15.51
C ASN A 327 22.18 10.79 14.24
N TYR A 328 20.89 10.94 13.94
CA TYR A 328 20.28 10.16 12.89
C TYR A 328 19.36 11.02 12.05
N ASN A 329 19.47 10.93 10.74
CA ASN A 329 18.58 11.70 9.88
C ASN A 329 17.36 10.95 9.34
N LEU A 330 17.46 9.62 9.39
CA LEU A 330 16.58 8.74 8.60
C LEU A 330 16.29 7.42 9.31
N LEU A 331 15.06 6.98 9.14
CA LEU A 331 14.61 5.62 9.56
C LEU A 331 14.54 4.79 8.29
N ASN A 332 15.28 3.67 8.26
CA ASN A 332 15.43 2.91 7.03
C ASN A 332 14.46 1.72 7.18
N ALA A 333 13.24 1.85 6.66
CA ALA A 333 12.17 0.82 6.96
C ALA A 333 11.94 -0.08 5.74
N ALA A 334 11.75 -1.38 6.02
CA ALA A 334 11.33 -2.40 5.06
C ALA A 334 9.85 -2.70 5.32
N TYR A 335 9.10 -2.89 4.25
CA TYR A 335 7.62 -3.08 4.29
C TYR A 335 7.36 -4.39 3.64
N VAL A 336 6.59 -5.27 4.33
CA VAL A 336 6.33 -6.57 3.79
C VAL A 336 5.43 -6.36 2.55
N HIS A 337 5.80 -7.03 1.45
CA HIS A 337 5.08 -6.81 0.16
C HIS A 337 4.41 -8.14 -0.17
N TYR A 338 4.21 -8.51 -1.42
CA TYR A 338 3.61 -9.85 -1.66
C TYR A 338 4.52 -11.03 -1.32
N TYR A 339 3.87 -12.18 -1.07
CA TYR A 339 4.66 -13.40 -0.78
C TYR A 339 3.74 -14.58 -1.10
N ALA A 340 4.33 -15.76 -1.12
CA ALA A 340 3.51 -16.98 -1.21
C ALA A 340 4.35 -18.14 -0.66
N ALA A 341 3.71 -18.94 0.16
CA ALA A 341 4.40 -20.06 0.74
C ALA A 341 3.68 -21.35 0.37
N THR A 342 4.44 -22.27 -0.22
CA THR A 342 3.87 -23.63 -0.50
C THR A 342 4.65 -24.79 0.11
N SER A 343 5.93 -24.60 0.43
CA SER A 343 6.77 -25.68 0.96
C SER A 343 7.01 -25.65 2.44
N ILE A 344 6.81 -24.49 3.06
CA ILE A 344 7.26 -24.23 4.44
C ILE A 344 6.22 -23.35 5.12
N PRO A 345 6.16 -23.37 6.47
CA PRO A 345 5.22 -22.51 7.17
C PRO A 345 5.59 -21.04 6.88
N LEU A 346 4.58 -20.21 6.77
CA LEU A 346 4.82 -18.81 6.46
C LEU A 346 5.80 -18.17 7.45
N HIS A 347 5.67 -18.43 8.75
CA HIS A 347 6.68 -17.93 9.69
C HIS A 347 8.16 -18.22 9.36
N GLN A 348 8.47 -19.43 8.87
CA GLN A 348 9.82 -19.77 8.42
CA GLN A 348 9.86 -19.69 8.47
C GLN A 348 10.25 -18.98 7.16
N LEU A 349 9.32 -18.74 6.26
CA LEU A 349 9.66 -17.93 5.05
C LEU A 349 9.91 -16.45 5.46
N ILE A 350 9.07 -15.91 6.32
CA ILE A 350 9.19 -14.45 6.67
C ILE A 350 10.39 -14.21 7.55
N LEU A 351 10.80 -15.22 8.33
CA LEU A 351 12.02 -15.08 9.12
C LEU A 351 13.19 -14.79 8.17
N ASP A 352 13.19 -15.46 7.02
CA ASP A 352 14.25 -15.12 6.06
C ASP A 352 14.11 -13.69 5.55
N LEU A 353 12.90 -13.20 5.34
CA LEU A 353 12.69 -11.79 5.07
C LEU A 353 13.38 -10.86 6.07
N LEU A 354 13.11 -11.08 7.39
CA LEU A 354 13.75 -10.31 8.43
C LEU A 354 15.25 -10.43 8.37
N ILE A 355 15.79 -11.65 8.13
CA ILE A 355 17.25 -11.87 8.10
C ILE A 355 17.87 -11.07 6.96
N VAL A 356 17.27 -11.18 5.77
CA VAL A 356 17.74 -10.39 4.62
C VAL A 356 17.65 -8.88 4.87
N ALA A 357 16.50 -8.40 5.37
CA ALA A 357 16.31 -6.98 5.61
C ALA A 357 17.37 -6.53 6.59
N HIS A 358 17.59 -7.35 7.64
CA HIS A 358 18.54 -6.95 8.63
C HIS A 358 19.96 -6.88 8.07
N SER A 359 20.35 -7.85 7.25
CA SER A 359 21.72 -7.91 6.70
CA SER A 359 21.71 -7.91 6.70
C SER A 359 21.96 -6.74 5.77
N ARG A 360 20.86 -6.28 5.13
CA ARG A 360 20.95 -5.17 4.16
C ARG A 360 20.80 -3.79 4.78
N GLY A 361 20.80 -3.74 6.11
CA GLY A 361 20.85 -2.50 6.80
C GLY A 361 19.58 -1.78 7.14
N PHE A 362 18.44 -2.47 7.05
CA PHE A 362 17.18 -1.90 7.50
C PHE A 362 16.99 -1.90 8.96
N ASP A 363 16.27 -0.90 9.45
CA ASP A 363 16.13 -0.67 10.88
C ASP A 363 14.91 -1.32 11.49
N VAL A 364 13.89 -1.56 10.66
CA VAL A 364 12.62 -2.07 11.19
C VAL A 364 11.89 -2.64 9.95
N CYS A 365 11.00 -3.60 10.19
CA CYS A 365 10.16 -4.24 9.18
C CYS A 365 8.73 -3.96 9.57
N ASN A 366 7.98 -3.31 8.69
CA ASN A 366 6.61 -2.89 9.00
C ASN A 366 5.58 -3.54 8.04
N MET A 367 4.35 -3.56 8.51
CA MET A 367 3.29 -4.15 7.78
C MET A 367 1.93 -3.83 8.39
N VAL A 368 0.89 -4.13 7.64
CA VAL A 368 -0.54 -4.03 8.06
C VAL A 368 -1.01 -5.50 8.14
N GLU A 369 -1.99 -5.80 9.00
CA GLU A 369 -2.38 -7.25 9.25
C GLU A 369 -3.31 -7.70 8.09
N ILE A 370 -2.97 -7.29 6.87
CA ILE A 370 -3.62 -7.95 5.67
C ILE A 370 -3.02 -9.29 5.31
N LEU A 371 -3.51 -9.88 4.21
CA LEU A 371 -3.02 -11.19 3.84
C LEU A 371 -3.04 -12.23 5.04
N ASP A 372 -2.00 -13.03 5.25
CA ASP A 372 -1.90 -13.90 6.48
C ASP A 372 -0.81 -13.36 7.41
N ASN A 373 -0.67 -12.04 7.40
CA ASN A 373 0.40 -11.41 8.19
C ASN A 373 0.25 -11.74 9.73
N ARG A 374 -0.94 -12.09 10.21
CA ARG A 374 -1.08 -12.48 11.67
C ARG A 374 -0.44 -13.81 12.06
N SER A 375 -0.26 -14.67 11.09
CA SER A 375 0.26 -16.00 11.42
CA SER A 375 0.27 -16.00 11.38
C SER A 375 1.73 -15.96 11.79
N PHE A 376 2.37 -14.77 11.62
CA PHE A 376 3.73 -14.77 11.99
C PHE A 376 4.11 -13.68 13.03
N VAL A 377 3.13 -12.95 13.50
CA VAL A 377 3.40 -11.81 14.39
C VAL A 377 4.09 -12.25 15.69
N GLU A 378 3.58 -13.31 16.31
CA GLU A 378 4.10 -13.62 17.65
C GLU A 378 5.42 -14.32 17.51
N GLN A 379 5.52 -15.29 16.60
CA GLN A 379 6.79 -15.98 16.48
C GLN A 379 7.92 -15.08 16.04
N LEU A 380 7.57 -14.13 15.17
CA LEU A 380 8.58 -13.24 14.58
C LEU A 380 8.69 -11.93 15.34
N LYS A 381 8.05 -11.87 16.51
CA LYS A 381 8.27 -10.74 17.46
C LYS A 381 7.86 -9.40 16.83
N PHE A 382 6.87 -9.38 15.96
CA PHE A 382 6.18 -8.12 15.58
C PHE A 382 5.39 -7.60 16.72
N GLY A 383 5.42 -6.30 16.90
CA GLY A 383 4.46 -5.65 17.83
C GLY A 383 3.45 -4.79 17.11
N ALA A 384 2.25 -4.67 17.67
CA ALA A 384 1.24 -3.76 17.12
C ALA A 384 1.68 -2.33 17.28
N GLY A 385 1.51 -1.49 16.23
CA GLY A 385 1.87 -0.04 16.25
C GLY A 385 0.66 0.84 16.56
N ASP A 386 0.71 2.17 16.31
CA ASP A 386 -0.42 2.98 16.68
C ASP A 386 -1.29 3.17 15.47
N GLY A 387 -2.59 3.23 15.71
CA GLY A 387 -3.55 3.43 14.64
C GLY A 387 -3.77 2.25 13.68
N HIS A 388 -4.41 2.58 12.57
CA HIS A 388 -5.00 1.57 11.70
C HIS A 388 -4.96 2.12 10.29
N LEU A 389 -4.77 1.23 9.33
CA LEU A 389 -4.91 1.55 7.90
C LEU A 389 -6.32 1.05 7.48
N ARG A 390 -7.09 1.93 6.89
CA ARG A 390 -8.45 1.65 6.46
C ARG A 390 -8.42 1.55 4.94
N TYR A 391 -9.25 0.68 4.40
CA TYR A 391 -9.36 0.47 2.98
C TYR A 391 -10.74 0.95 2.54
N TYR A 392 -10.79 1.59 1.39
CA TYR A 392 -12.00 2.17 0.86
C TYR A 392 -12.13 1.93 -0.63
N PHE A 393 -13.39 1.93 -1.12
CA PHE A 393 -13.71 2.09 -2.55
C PHE A 393 -14.44 3.38 -2.82
N TYR A 394 -14.24 3.94 -4.02
CA TYR A 394 -15.00 5.00 -4.56
C TYR A 394 -16.05 4.34 -5.49
N ASN A 395 -17.34 4.70 -5.32
CA ASN A 395 -18.41 4.12 -6.19
C ASN A 395 -18.51 2.58 -6.16
N TRP A 396 -18.45 1.99 -5.01
CA TRP A 396 -18.59 0.57 -4.87
C TRP A 396 -19.09 0.16 -3.54
N ALA A 397 -20.29 -0.41 -3.51
CA ALA A 397 -20.83 -0.94 -2.30
C ALA A 397 -20.15 -2.26 -2.04
N TYR A 398 -19.78 -2.51 -0.80
CA TYR A 398 -19.05 -3.67 -0.42
C TYR A 398 -19.31 -3.95 1.07
N PRO A 399 -19.74 -5.19 1.45
CA PRO A 399 -19.92 -5.59 2.84
C PRO A 399 -18.60 -5.43 3.57
N LYS A 400 -18.65 -5.14 4.87
CA LYS A 400 -17.42 -5.09 5.66
CA LYS A 400 -17.45 -5.12 5.72
C LYS A 400 -16.74 -6.45 5.64
N ILE A 401 -15.42 -6.45 5.43
CA ILE A 401 -14.64 -7.68 5.60
C ILE A 401 -13.47 -7.48 6.57
N LYS A 402 -13.00 -8.60 7.09
CA LYS A 402 -11.86 -8.70 8.03
C LYS A 402 -10.59 -8.27 7.17
N PRO A 403 -9.57 -7.68 7.80
CA PRO A 403 -8.41 -7.29 6.92
C PRO A 403 -7.62 -8.54 6.46
N SER A 404 -7.80 -9.67 7.14
CA SER A 404 -7.24 -10.94 6.67
C SER A 404 -7.97 -11.47 5.42
N GLN A 405 -8.92 -10.75 4.86
CA GLN A 405 -9.58 -11.12 3.55
C GLN A 405 -9.20 -10.12 2.48
N VAL A 406 -8.17 -9.25 2.80
CA VAL A 406 -7.70 -8.21 1.92
C VAL A 406 -6.28 -8.60 1.48
N ALA A 407 -6.07 -8.64 0.18
CA ALA A 407 -4.74 -9.05 -0.43
C ALA A 407 -4.10 -7.94 -1.30
N LEU A 408 -4.66 -6.74 -1.29
CA LEU A 408 -4.02 -5.56 -1.97
C LEU A 408 -3.03 -4.79 -1.05
N VAL A 409 -1.73 -4.91 -1.35
CA VAL A 409 -0.70 -4.11 -0.65
C VAL A 409 -0.68 -2.71 -1.24
N MET A 410 -0.77 -1.64 -0.45
CA MET A 410 -0.72 -0.29 -1.02
CA MET A 410 -0.73 -0.28 -1.03
C MET A 410 0.64 0.25 -0.67
N LEU A 411 1.35 0.78 -1.66
CA LEU A 411 2.71 1.31 -1.46
C LEU A 411 2.76 2.61 -0.69
MG MG B . -6.51 22.81 1.26
C26 CWZ C . 3.63 2.24 9.71
C18 CWZ C . 4.01 2.45 11.04
C19 CWZ C . 4.11 3.85 11.61
N2 CWZ C . 4.99 4.75 10.86
C25 CWZ C . 4.86 6.09 11.39
C24 CWZ C . 5.50 6.89 10.32
S CWZ C . 4.88 8.33 9.80
C23 CWZ C . 6.29 8.50 8.82
N3 CWZ C . 7.13 7.51 8.85
C22 CWZ C . 6.64 6.57 9.74
C21 CWZ C . 7.31 5.26 10.06
C20 CWZ C . 6.39 4.24 10.78
C17 CWZ C . 4.26 1.34 11.85
C16 CWZ C . 4.15 0.06 11.35
C15 CWZ C . 3.75 -0.13 10.03
C14 CWZ C . 3.48 0.95 9.18
C12 CWZ C . 3.05 0.75 7.87
C11 CWZ C . 2.88 -0.56 7.39
C10 CWZ C . 2.44 -0.79 6.09
C9 CWZ C . 2.17 0.26 5.25
C13 CWZ C . 2.79 1.80 6.98
C8 CWZ C . 2.32 1.57 5.68
C7 CWZ C . 1.91 2.67 4.72
N1 CWZ C . 2.33 4.02 5.06
C CWZ C . 2.69 4.78 3.86
C1 CWZ C . 2.07 6.07 4.05
C2 CWZ C . 0.60 6.03 4.33
C6 CWZ C . -0.32 6.15 3.32
N CWZ C . -1.62 6.41 3.51
C5 CWZ C . -2.02 6.55 4.77
C4 CWZ C . -1.20 6.40 5.86
C3 CWZ C . 0.12 6.10 5.63
S1 MYA D . -4.00 8.83 2.04
C2 MYA D . -2.64 10.02 2.29
C3 MYA D . -3.19 11.36 2.43
N4 MYA D . -2.05 12.29 2.53
C5 MYA D . -1.60 12.76 3.67
O5 MYA D . -2.16 12.48 4.76
C6 MYA D . -0.42 13.72 3.57
C7 MYA D . -0.49 14.94 4.59
N8 MYA D . -1.76 15.65 4.49
C9 MYA D . -2.20 16.36 3.47
O9 MYA D . -1.44 16.53 2.50
C10 MYA D . -3.52 17.05 3.49
O10 MYA D . -3.99 17.19 4.81
C11 MYA D . -4.65 16.35 2.70
C12 MYA D . -6.01 17.03 2.93
C13 MYA D . -4.78 14.87 3.17
C14 MYA D . -4.34 16.41 1.21
N1A MYA D . -8.47 11.15 1.84
O1A MYA D . -9.51 21.47 3.23
P1A MYA D . -8.90 20.22 2.58
C1X MYA D . -11.05 15.30 3.28
C2A MYA D . -9.59 11.68 1.34
O2A MYA D . -8.12 20.54 1.36
P2A MYA D . -6.34 19.49 3.72
C2M MYA D . -4.14 8.82 0.34
O2M MYA D . -3.26 9.31 -0.33
C2X MYA D . -11.74 15.78 4.55
O2X MYA D . -12.45 14.71 5.21
N3A MYA D . -10.13 12.79 1.85
O3A MYA D . -7.92 19.53 3.64
C3M MYA D . -5.44 8.31 -0.31
C3X MYA D . -12.52 16.94 3.99
O3X MYA D . -13.79 16.68 3.32
P3X MYA D . -15.16 16.72 4.15
C4A MYA D . -9.52 13.44 2.86
O4A MYA D . -5.66 20.74 3.29
C4M MYA D . -6.28 9.48 -0.72
C4X MYA D . -11.61 17.47 2.93
O4X MYA D . -10.63 16.42 2.60
C5A MYA D . -8.33 12.94 3.41
O5A MYA D . -6.07 18.94 5.08
C5M MYA D . -7.65 9.04 -1.31
C5X MYA D . -10.96 18.80 3.36
O5X MYA D . -10.05 19.19 2.36
C6A MYA D . -7.79 11.78 2.86
N6A MYA D . -6.62 11.22 3.28
O6A MYA D . -5.95 18.40 2.60
C6M MYA D . -8.36 10.29 -1.85
N7A MYA D . -7.93 13.80 4.41
O7A MYA D . -16.27 16.05 3.31
C7M MYA D . -9.82 10.01 -2.38
C8A MYA D . -8.89 14.78 4.49
O8A MYA D . -15.28 18.23 4.31
C8M MYA D . -9.76 9.21 -3.68
N9A MYA D . -9.85 14.53 3.55
O9A MYA D . -14.92 15.84 5.34
C9M MYA D . -11.24 9.04 -4.17
CAM MYA D . -11.26 8.38 -5.59
CBM MYA D . -10.84 9.31 -6.73
CCM MYA D . -10.82 8.53 -8.08
CDM MYA D . -12.24 8.07 -8.56
CEM MYA D . -12.09 7.35 -9.96
CFM MYA D . -13.32 6.47 -10.22
#